data_1ZHF
#
_entry.id   1ZHF
#
_cell.length_a   71.355
_cell.length_b   71.355
_cell.length_c   188.800
_cell.angle_alpha   90.00
_cell.angle_beta   90.00
_cell.angle_gamma   90.00
#
_symmetry.space_group_name_H-M   'P 43 2 2'
#
loop_
_entity.id
_entity.type
_entity.pdbx_description
1 polymer "Isoflavanone 4'-O-methyltransferase"
2 non-polymer S-ADENOSYL-L-HOMOCYSTEINE
3 water water
#
_entity_poly.entity_id   1
_entity_poly.type   'polypeptide(L)'
_entity_poly.pdbx_seq_one_letter_code
;SEESELYHAQIHLYKHVYNFVSSMALKSAMELGIADAIHNHGKPMTLSELASSLKLHPSKVNILHRFLRLLTHNGFFAKT
IVKGKEGDEEEEIAYSLTPPSKLLISGKPTCLSSIVKGALHPSSLDMWSSSKKWFNEDKEQTLFECATGESFWDFLNKDS
ESSTLSMFQDAMASDSRMFKLVLQENKRVFEGLESLVDVGGGTGGVTKLIHEIFPHLKCTVFDQPQVVGNLTGNENLNFV
GGDMFKSIPSADAVLLKWVLHDWNDEQSLKILKNSKEAISHKGKDGKVIIIDISIDETSDDRGLTELQLDYDLVMLTMFL
GKERTKQEWEKLIYDAGFSSYKITPISGFKSLIEVYP
;
_entity_poly.pdbx_strand_id   A
#
# COMPACT_ATOMS: atom_id res chain seq x y z
N SER A 1 -7.28 28.32 -36.82
CA SER A 1 -6.51 27.22 -36.16
C SER A 1 -6.24 27.53 -34.69
N GLU A 2 -5.55 28.64 -34.43
CA GLU A 2 -5.24 29.04 -33.05
C GLU A 2 -6.45 28.88 -32.14
N GLU A 3 -6.24 28.24 -30.99
CA GLU A 3 -7.26 27.95 -29.99
C GLU A 3 -7.96 26.64 -30.30
N SER A 4 -8.69 26.60 -31.40
CA SER A 4 -9.41 25.40 -31.81
C SER A 4 -8.47 24.30 -32.34
N GLU A 5 -7.41 24.02 -31.58
CA GLU A 5 -6.46 22.99 -31.97
C GLU A 5 -6.67 21.75 -31.10
N LEU A 6 -7.41 20.81 -31.68
CA LEU A 6 -7.78 19.55 -31.03
C LEU A 6 -6.63 18.60 -30.79
N TYR A 7 -6.76 17.42 -31.41
CA TYR A 7 -5.81 16.32 -31.32
C TYR A 7 -5.01 16.22 -30.02
N HIS A 8 -4.07 17.14 -29.80
CA HIS A 8 -3.30 17.09 -28.57
C HIS A 8 -4.28 17.03 -27.40
N ALA A 9 -5.40 17.74 -27.54
CA ALA A 9 -6.44 17.80 -26.53
C ALA A 9 -7.20 16.48 -26.45
N GLN A 10 -7.40 15.83 -27.59
CA GLN A 10 -8.12 14.57 -27.60
C GLN A 10 -7.29 13.40 -27.09
N ILE A 11 -6.04 13.33 -27.51
CA ILE A 11 -5.19 12.23 -27.09
C ILE A 11 -5.12 12.20 -25.57
N HIS A 12 -5.00 13.38 -24.97
CA HIS A 12 -4.94 13.50 -23.53
C HIS A 12 -6.25 13.05 -22.88
N LEU A 13 -7.36 13.50 -23.46
CA LEU A 13 -8.69 13.17 -22.97
C LEU A 13 -8.92 11.66 -23.00
N TYR A 14 -8.75 11.05 -24.17
CA TYR A 14 -8.99 9.62 -24.29
C TYR A 14 -8.05 8.79 -23.44
N LYS A 15 -6.80 9.24 -23.32
CA LYS A 15 -5.83 8.52 -22.51
C LYS A 15 -6.33 8.33 -21.08
N HIS A 16 -7.02 9.33 -20.55
CA HIS A 16 -7.57 9.24 -19.19
C HIS A 16 -8.91 8.54 -19.18
N VAL A 17 -9.62 8.59 -20.30
CA VAL A 17 -10.90 7.92 -20.39
C VAL A 17 -10.69 6.42 -20.25
N TYR A 18 -9.77 5.89 -21.06
CA TYR A 18 -9.47 4.46 -21.09
C TYR A 18 -8.38 3.92 -20.18
N ASN A 19 -8.06 4.67 -19.14
CA ASN A 19 -7.04 4.22 -18.19
C ASN A 19 -7.49 2.96 -17.46
N PHE A 20 -8.77 2.90 -17.11
CA PHE A 20 -9.28 1.75 -16.38
C PHE A 20 -8.94 0.41 -17.03
N VAL A 21 -8.85 0.39 -18.36
CA VAL A 21 -8.54 -0.86 -19.07
C VAL A 21 -7.19 -1.48 -18.63
N SER A 22 -6.21 -0.63 -18.34
CA SER A 22 -4.91 -1.12 -17.89
C SER A 22 -5.02 -1.80 -16.53
N SER A 23 -5.86 -1.26 -15.66
CA SER A 23 -6.06 -1.85 -14.35
C SER A 23 -6.75 -3.21 -14.49
N MET A 24 -7.81 -3.27 -15.31
CA MET A 24 -8.54 -4.52 -15.53
C MET A 24 -7.65 -5.59 -16.16
N ALA A 25 -6.70 -5.17 -16.97
CA ALA A 25 -5.77 -6.09 -17.62
C ALA A 25 -4.82 -6.68 -16.60
N LEU A 26 -4.45 -5.87 -15.61
CA LEU A 26 -3.54 -6.35 -14.56
C LEU A 26 -4.33 -7.28 -13.67
N LYS A 27 -5.57 -6.90 -13.40
CA LYS A 27 -6.48 -7.68 -12.57
C LYS A 27 -6.58 -9.09 -13.14
N SER A 28 -6.84 -9.18 -14.44
CA SER A 28 -6.95 -10.46 -15.14
C SER A 28 -5.68 -11.28 -14.99
N ALA A 29 -4.54 -10.64 -15.29
CA ALA A 29 -3.26 -11.32 -15.19
C ALA A 29 -3.08 -11.98 -13.83
N MET A 30 -3.45 -11.33 -12.75
CA MET A 30 -3.28 -11.94 -11.43
C MET A 30 -4.32 -13.01 -11.16
N GLU A 31 -5.58 -12.75 -11.50
CA GLU A 31 -6.61 -13.75 -11.26
C GLU A 31 -6.38 -15.02 -12.07
N LEU A 32 -5.58 -14.93 -13.13
CA LEU A 32 -5.28 -16.09 -13.95
C LEU A 32 -4.02 -16.80 -13.43
N GLY A 33 -3.19 -16.06 -12.70
CA GLY A 33 -1.99 -16.64 -12.17
C GLY A 33 -0.93 -16.82 -13.24
N ILE A 34 -0.85 -15.88 -14.17
CA ILE A 34 0.14 -15.94 -15.22
C ILE A 34 1.57 -15.98 -14.65
N ALA A 35 1.85 -15.15 -13.65
CA ALA A 35 3.18 -15.09 -13.04
C ALA A 35 3.57 -16.43 -12.42
N ASP A 36 2.66 -17.02 -11.66
CA ASP A 36 2.92 -18.30 -11.04
C ASP A 36 3.22 -19.34 -12.11
N ALA A 37 2.45 -19.34 -13.18
CA ALA A 37 2.65 -20.31 -14.26
C ALA A 37 4.03 -20.16 -14.90
N ILE A 38 4.39 -18.94 -15.29
CA ILE A 38 5.70 -18.72 -15.91
C ILE A 38 6.80 -19.03 -14.90
N HIS A 39 6.63 -18.58 -13.66
CA HIS A 39 7.62 -18.85 -12.63
C HIS A 39 7.80 -20.37 -12.46
N ASN A 40 6.69 -21.11 -12.38
CA ASN A 40 6.75 -22.56 -12.20
C ASN A 40 7.36 -23.25 -13.41
N HIS A 41 7.29 -22.59 -14.55
CA HIS A 41 7.87 -23.12 -15.78
C HIS A 41 9.36 -22.77 -15.70
N GLY A 42 9.66 -21.74 -14.90
CA GLY A 42 11.02 -21.29 -14.68
C GLY A 42 11.87 -21.15 -15.92
N LYS A 43 11.24 -20.66 -16.99
CA LYS A 43 11.90 -20.49 -18.28
C LYS A 43 10.89 -19.75 -19.16
N PRO A 44 11.35 -18.80 -20.00
CA PRO A 44 10.39 -18.09 -20.85
C PRO A 44 9.36 -19.05 -21.42
N MET A 45 8.09 -18.71 -21.23
CA MET A 45 7.01 -19.55 -21.65
C MET A 45 6.34 -19.08 -22.93
N THR A 46 5.94 -20.04 -23.76
CA THR A 46 5.29 -19.76 -25.02
C THR A 46 3.79 -19.56 -24.84
N LEU A 47 3.14 -18.91 -25.81
CA LEU A 47 1.70 -18.68 -25.72
C LEU A 47 0.95 -20.01 -25.54
N SER A 48 1.32 -21.01 -26.33
CA SER A 48 0.70 -22.33 -26.25
C SER A 48 0.91 -22.96 -24.88
N GLU A 49 2.16 -22.93 -24.41
CA GLU A 49 2.50 -23.51 -23.13
C GLU A 49 1.72 -22.85 -22.00
N LEU A 50 1.67 -21.51 -22.02
CA LEU A 50 0.93 -20.80 -20.99
C LEU A 50 -0.54 -21.13 -21.14
N ALA A 51 -1.03 -21.17 -22.37
CA ALA A 51 -2.43 -21.51 -22.62
C ALA A 51 -2.74 -22.87 -22.03
N SER A 52 -1.82 -23.81 -22.23
CA SER A 52 -1.99 -25.16 -21.72
C SER A 52 -1.89 -25.22 -20.19
N SER A 53 -1.01 -24.40 -19.62
CA SER A 53 -0.83 -24.36 -18.18
C SER A 53 -2.11 -23.84 -17.51
N LEU A 54 -2.73 -22.82 -18.11
CA LEU A 54 -3.95 -22.22 -17.59
C LEU A 54 -5.18 -23.04 -17.98
N LYS A 55 -4.96 -24.11 -18.73
CA LYS A 55 -6.04 -25.00 -19.19
C LYS A 55 -7.19 -24.24 -19.82
N LEU A 56 -6.85 -23.26 -20.66
CA LEU A 56 -7.85 -22.44 -21.34
C LEU A 56 -8.48 -23.17 -22.53
N HIS A 57 -9.75 -22.85 -22.79
CA HIS A 57 -10.43 -23.44 -23.94
C HIS A 57 -9.71 -22.86 -25.18
N PRO A 58 -9.73 -23.58 -26.30
CA PRO A 58 -9.04 -23.05 -27.49
C PRO A 58 -9.51 -21.66 -27.94
N SER A 59 -10.78 -21.36 -27.71
CA SER A 59 -11.34 -20.09 -28.12
C SER A 59 -10.86 -18.94 -27.25
N LYS A 60 -10.33 -19.27 -26.08
CA LYS A 60 -9.87 -18.24 -25.16
C LYS A 60 -8.40 -17.90 -25.34
N VAL A 61 -7.68 -18.70 -26.12
CA VAL A 61 -6.26 -18.49 -26.34
C VAL A 61 -5.94 -17.12 -26.92
N ASN A 62 -6.61 -16.75 -28.00
CA ASN A 62 -6.37 -15.46 -28.64
C ASN A 62 -6.75 -14.31 -27.69
N ILE A 63 -7.56 -14.62 -26.68
CA ILE A 63 -7.93 -13.59 -25.72
C ILE A 63 -6.72 -13.43 -24.78
N LEU A 64 -6.09 -14.55 -24.45
CA LEU A 64 -4.90 -14.54 -23.60
C LEU A 64 -3.81 -13.71 -24.30
N HIS A 65 -3.69 -13.92 -25.60
CA HIS A 65 -2.69 -13.23 -26.42
C HIS A 65 -2.88 -11.71 -26.39
N ARG A 66 -4.13 -11.27 -26.59
CA ARG A 66 -4.48 -9.86 -26.56
C ARG A 66 -4.10 -9.22 -25.23
N PHE A 67 -4.47 -9.88 -24.14
CA PHE A 67 -4.15 -9.36 -22.81
C PHE A 67 -2.64 -9.34 -22.57
N LEU A 68 -1.95 -10.34 -23.11
CA LEU A 68 -0.49 -10.43 -22.98
C LEU A 68 0.20 -9.29 -23.72
N ARG A 69 -0.27 -8.98 -24.92
CA ARG A 69 0.32 -7.92 -25.72
C ARG A 69 0.31 -6.57 -24.99
N LEU A 70 -0.86 -6.22 -24.45
CA LEU A 70 -1.01 -4.97 -23.74
C LEU A 70 -0.15 -4.97 -22.49
N LEU A 71 -0.25 -6.04 -21.70
CA LEU A 71 0.51 -6.15 -20.47
C LEU A 71 2.01 -6.07 -20.74
N THR A 72 2.45 -6.60 -21.87
CA THR A 72 3.86 -6.55 -22.23
C THR A 72 4.21 -5.10 -22.49
N HIS A 73 3.32 -4.40 -23.21
CA HIS A 73 3.56 -2.99 -23.50
C HIS A 73 3.61 -2.21 -22.19
N ASN A 74 2.86 -2.66 -21.20
CA ASN A 74 2.85 -1.98 -19.91
C ASN A 74 3.95 -2.46 -19.00
N GLY A 75 4.92 -3.16 -19.59
CA GLY A 75 6.07 -3.64 -18.85
C GLY A 75 5.93 -4.75 -17.82
N PHE A 76 4.89 -5.56 -17.93
CA PHE A 76 4.71 -6.66 -16.97
C PHE A 76 5.25 -7.98 -17.51
N PHE A 77 5.72 -7.95 -18.75
CA PHE A 77 6.29 -9.13 -19.41
C PHE A 77 7.33 -8.72 -20.46
N ALA A 78 8.31 -9.58 -20.68
CA ALA A 78 9.35 -9.33 -21.66
C ALA A 78 9.19 -10.38 -22.75
N LYS A 79 9.21 -9.95 -24.01
CA LYS A 79 9.07 -10.87 -25.15
C LYS A 79 10.41 -11.40 -25.63
N THR A 80 10.46 -12.69 -25.88
CA THR A 80 11.67 -13.37 -26.35
C THR A 80 11.31 -14.19 -27.58
N ILE A 81 12.29 -14.57 -28.37
CA ILE A 81 12.05 -15.40 -29.55
C ILE A 81 12.71 -16.74 -29.28
N VAL A 82 11.94 -17.82 -29.33
CA VAL A 82 12.48 -19.15 -29.05
C VAL A 82 12.45 -20.17 -30.18
N LYS A 83 13.33 -21.17 -30.03
CA LYS A 83 13.52 -22.26 -30.97
C LYS A 83 12.28 -22.80 -31.69
N GLY A 84 11.71 -23.86 -31.14
CA GLY A 84 10.55 -24.51 -31.71
C GLY A 84 10.96 -25.97 -31.89
N LYS A 85 10.00 -26.89 -31.93
CA LYS A 85 10.38 -28.29 -32.06
C LYS A 85 10.14 -28.93 -33.44
N GLU A 86 10.96 -28.51 -34.39
CA GLU A 86 10.94 -29.01 -35.78
C GLU A 86 9.68 -28.77 -36.60
N GLY A 87 8.97 -29.84 -36.93
CA GLY A 87 7.77 -29.74 -37.74
C GLY A 87 6.61 -28.94 -37.16
N ASP A 88 6.92 -27.97 -36.31
CA ASP A 88 5.88 -27.13 -35.71
C ASP A 88 6.42 -25.91 -34.96
N GLU A 89 5.64 -24.83 -35.00
CA GLU A 89 5.97 -23.56 -34.33
C GLU A 89 6.86 -22.62 -35.14
N GLU A 90 7.90 -23.16 -35.77
CA GLU A 90 8.83 -22.36 -36.55
C GLU A 90 9.50 -21.37 -35.58
N GLU A 91 9.08 -20.12 -35.62
CA GLU A 91 9.63 -19.10 -34.73
C GLU A 91 8.49 -18.62 -33.85
N GLU A 92 8.59 -18.86 -32.54
CA GLU A 92 7.54 -18.46 -31.62
C GLU A 92 8.01 -17.55 -30.48
N ILE A 93 7.14 -16.63 -30.08
CA ILE A 93 7.48 -15.69 -29.00
C ILE A 93 7.22 -16.27 -27.61
N ALA A 94 8.16 -16.05 -26.71
CA ALA A 94 8.07 -16.53 -25.34
C ALA A 94 7.95 -15.31 -24.41
N TYR A 95 7.31 -15.52 -23.26
CA TYR A 95 7.12 -14.44 -22.31
C TYR A 95 7.87 -14.68 -20.99
N SER A 96 8.50 -13.62 -20.48
CA SER A 96 9.21 -13.71 -19.20
C SER A 96 8.60 -12.71 -18.25
N LEU A 97 8.80 -12.93 -16.95
CA LEU A 97 8.28 -12.02 -15.96
C LEU A 97 9.21 -10.83 -15.87
N THR A 98 8.75 -9.79 -15.20
CA THR A 98 9.50 -8.55 -15.02
C THR A 98 9.43 -8.24 -13.52
N PRO A 99 10.31 -7.36 -13.01
CA PRO A 99 10.19 -7.10 -11.58
C PRO A 99 8.76 -6.84 -11.11
N PRO A 100 8.01 -5.96 -11.81
CA PRO A 100 6.63 -5.68 -11.41
C PRO A 100 5.76 -6.93 -11.30
N SER A 101 5.83 -7.81 -12.29
CA SER A 101 5.01 -9.02 -12.27
C SER A 101 5.47 -10.06 -11.24
N LYS A 102 6.77 -10.11 -10.98
CA LYS A 102 7.29 -11.05 -10.00
C LYS A 102 6.63 -10.82 -8.64
N LEU A 103 6.05 -9.63 -8.47
CA LEU A 103 5.37 -9.29 -7.23
C LEU A 103 4.06 -10.06 -7.09
N LEU A 104 3.66 -10.70 -8.20
CA LEU A 104 2.43 -11.48 -8.26
C LEU A 104 2.65 -12.98 -8.05
N ILE A 105 3.89 -13.40 -7.81
CA ILE A 105 4.19 -14.81 -7.57
C ILE A 105 3.81 -15.12 -6.12
N SER A 106 2.86 -16.03 -5.94
CA SER A 106 2.41 -16.37 -4.60
C SER A 106 3.38 -17.23 -3.78
N GLY A 107 3.06 -17.40 -2.50
CA GLY A 107 3.90 -18.20 -1.63
C GLY A 107 5.26 -17.56 -1.44
N LYS A 108 5.32 -16.25 -1.62
CA LYS A 108 6.56 -15.49 -1.47
C LYS A 108 6.27 -14.27 -0.60
N PRO A 109 7.24 -13.86 0.23
CA PRO A 109 7.11 -12.71 1.12
C PRO A 109 6.75 -11.41 0.42
N THR A 110 7.03 -11.35 -0.88
CA THR A 110 6.75 -10.14 -1.66
C THR A 110 5.47 -10.17 -2.49
N CYS A 111 4.67 -11.21 -2.34
CA CYS A 111 3.45 -11.32 -3.10
C CYS A 111 2.41 -10.26 -2.74
N LEU A 112 2.01 -9.47 -3.72
CA LEU A 112 1.02 -8.43 -3.51
C LEU A 112 -0.30 -8.76 -4.20
N SER A 113 -0.52 -10.05 -4.47
CA SER A 113 -1.74 -10.50 -5.12
C SER A 113 -3.03 -10.10 -4.38
N SER A 114 -3.17 -10.57 -3.15
CA SER A 114 -4.37 -10.27 -2.35
C SER A 114 -4.66 -8.77 -2.29
N ILE A 115 -3.60 -7.96 -2.21
CA ILE A 115 -3.78 -6.51 -2.17
C ILE A 115 -4.34 -5.99 -3.49
N VAL A 116 -3.85 -6.49 -4.61
CA VAL A 116 -4.36 -6.02 -5.90
C VAL A 116 -5.76 -6.57 -6.13
N LYS A 117 -6.03 -7.75 -5.58
CA LYS A 117 -7.35 -8.37 -5.71
C LYS A 117 -8.40 -7.57 -4.95
N GLY A 118 -8.03 -7.02 -3.79
CA GLY A 118 -8.97 -6.24 -3.03
C GLY A 118 -9.16 -4.88 -3.66
N ALA A 119 -8.05 -4.26 -4.03
CA ALA A 119 -8.09 -2.94 -4.64
C ALA A 119 -8.91 -2.92 -5.92
N LEU A 120 -9.03 -4.07 -6.58
CA LEU A 120 -9.77 -4.14 -7.84
C LEU A 120 -11.01 -5.03 -7.75
N HIS A 121 -11.44 -5.31 -6.53
CA HIS A 121 -12.63 -6.13 -6.27
C HIS A 121 -13.89 -5.33 -6.64
N PRO A 122 -14.96 -6.03 -7.08
CA PRO A 122 -16.20 -5.35 -7.45
C PRO A 122 -16.72 -4.40 -6.38
N SER A 123 -16.53 -4.77 -5.12
CA SER A 123 -16.98 -3.91 -4.03
C SER A 123 -16.17 -2.62 -3.98
N SER A 124 -15.08 -2.56 -4.74
CA SER A 124 -14.26 -1.35 -4.78
C SER A 124 -14.57 -0.48 -6.01
N LEU A 125 -15.06 -1.11 -7.07
CA LEU A 125 -15.34 -0.43 -8.33
C LEU A 125 -16.79 -0.11 -8.66
N ASP A 126 -17.70 -1.04 -8.37
CA ASP A 126 -19.10 -0.81 -8.71
C ASP A 126 -19.72 0.47 -8.14
N MET A 127 -19.34 0.87 -6.94
CA MET A 127 -19.94 2.06 -6.33
C MET A 127 -19.88 3.31 -7.21
N TRP A 128 -18.88 3.39 -8.09
CA TRP A 128 -18.74 4.56 -8.95
C TRP A 128 -19.95 4.91 -9.81
N SER A 129 -20.87 3.97 -9.97
CA SER A 129 -22.06 4.22 -10.77
C SER A 129 -22.94 5.21 -10.03
N SER A 130 -22.72 5.34 -8.73
CA SER A 130 -23.49 6.26 -7.90
C SER A 130 -22.78 7.60 -7.68
N SER A 131 -21.69 7.84 -8.40
CA SER A 131 -20.95 9.09 -8.19
C SER A 131 -21.75 10.37 -8.41
N LYS A 132 -22.63 10.39 -9.41
CA LYS A 132 -23.40 11.60 -9.64
C LYS A 132 -24.41 11.82 -8.53
N LYS A 133 -25.07 10.75 -8.12
CA LYS A 133 -26.07 10.83 -7.06
C LYS A 133 -25.38 11.27 -5.76
N TRP A 134 -24.16 10.78 -5.56
CA TRP A 134 -23.34 11.08 -4.38
C TRP A 134 -22.95 12.55 -4.28
N PHE A 135 -22.62 13.15 -5.42
CA PHE A 135 -22.23 14.55 -5.46
C PHE A 135 -23.40 15.50 -5.22
N ASN A 136 -24.57 15.12 -5.70
CA ASN A 136 -25.76 15.96 -5.60
C ASN A 136 -26.72 15.74 -4.43
N GLU A 137 -26.42 14.77 -3.57
CA GLU A 137 -27.28 14.50 -2.41
C GLU A 137 -26.91 15.40 -1.21
N ASP A 138 -27.79 15.43 -0.21
CA ASP A 138 -27.58 16.24 0.98
C ASP A 138 -27.00 15.48 2.15
N LYS A 139 -26.98 14.16 2.06
CA LYS A 139 -26.45 13.33 3.14
C LYS A 139 -24.94 13.17 3.07
N GLU A 140 -24.28 13.37 4.21
CA GLU A 140 -22.84 13.21 4.28
C GLU A 140 -22.52 11.75 4.51
N GLN A 141 -21.89 11.12 3.51
CA GLN A 141 -21.55 9.71 3.61
C GLN A 141 -20.53 9.34 2.56
N THR A 142 -19.95 8.14 2.68
CA THR A 142 -18.95 7.67 1.72
C THR A 142 -19.68 7.25 0.45
N LEU A 143 -18.97 7.22 -0.67
CA LEU A 143 -19.60 6.83 -1.91
C LEU A 143 -20.09 5.39 -1.82
N PHE A 144 -19.45 4.60 -0.97
CA PHE A 144 -19.84 3.21 -0.80
C PHE A 144 -21.21 3.16 -0.11
N GLU A 145 -21.40 3.99 0.91
CA GLU A 145 -22.68 4.02 1.62
C GLU A 145 -23.75 4.54 0.67
N CYS A 146 -23.41 5.58 -0.09
CA CYS A 146 -24.36 6.15 -1.03
C CYS A 146 -24.86 5.11 -2.05
N ALA A 147 -23.96 4.29 -2.58
CA ALA A 147 -24.36 3.31 -3.57
C ALA A 147 -24.87 1.98 -3.02
N THR A 148 -24.42 1.62 -1.83
CA THR A 148 -24.82 0.34 -1.23
C THR A 148 -25.93 0.43 -0.19
N GLY A 149 -25.98 1.53 0.55
CA GLY A 149 -27.00 1.68 1.56
C GLY A 149 -26.41 1.40 2.93
N GLU A 150 -25.26 0.72 2.96
CA GLU A 150 -24.59 0.40 4.20
C GLU A 150 -23.11 0.75 4.09
N SER A 151 -22.47 0.92 5.24
CA SER A 151 -21.04 1.26 5.29
C SER A 151 -20.21 0.08 4.83
N PHE A 152 -18.99 0.35 4.39
CA PHE A 152 -18.13 -0.71 3.91
C PHE A 152 -17.90 -1.80 4.93
N TRP A 153 -17.65 -1.42 6.18
CA TRP A 153 -17.40 -2.39 7.22
C TRP A 153 -18.61 -3.30 7.47
N ASP A 154 -19.82 -2.73 7.51
CA ASP A 154 -21.02 -3.54 7.72
C ASP A 154 -21.24 -4.54 6.60
N PHE A 155 -20.80 -4.18 5.40
CA PHE A 155 -20.93 -5.01 4.22
C PHE A 155 -20.07 -6.27 4.38
N LEU A 156 -18.83 -6.09 4.80
CA LEU A 156 -17.92 -7.22 5.00
C LEU A 156 -18.42 -8.19 6.06
N ASN A 157 -18.99 -7.66 7.14
CA ASN A 157 -19.49 -8.47 8.25
C ASN A 157 -20.76 -9.27 7.95
N LYS A 158 -21.44 -8.95 6.84
CA LYS A 158 -22.64 -9.68 6.48
C LYS A 158 -22.29 -11.16 6.37
N ASP A 159 -23.29 -12.03 6.45
CA ASP A 159 -23.05 -13.47 6.34
C ASP A 159 -22.75 -13.84 4.89
N SER A 160 -23.49 -13.24 3.97
CA SER A 160 -23.31 -13.52 2.56
C SER A 160 -22.02 -12.90 2.01
N GLU A 161 -21.20 -12.36 2.91
CA GLU A 161 -19.94 -11.75 2.50
C GLU A 161 -18.74 -12.35 3.22
N SER A 162 -18.89 -13.60 3.66
CA SER A 162 -17.83 -14.31 4.38
C SER A 162 -16.54 -14.31 3.58
N SER A 163 -16.65 -14.74 2.32
CA SER A 163 -15.49 -14.80 1.44
C SER A 163 -14.87 -13.43 1.19
N THR A 164 -15.70 -12.42 0.97
CA THR A 164 -15.21 -11.07 0.72
C THR A 164 -14.34 -10.60 1.89
N LEU A 165 -14.77 -10.92 3.10
CA LEU A 165 -14.02 -10.51 4.29
C LEU A 165 -12.67 -11.23 4.40
N SER A 166 -12.62 -12.50 3.98
CA SER A 166 -11.37 -13.26 4.02
C SER A 166 -10.36 -12.61 3.07
N MET A 167 -10.86 -12.20 1.91
CA MET A 167 -10.02 -11.58 0.91
C MET A 167 -9.41 -10.27 1.42
N PHE A 168 -10.23 -9.42 2.02
CA PHE A 168 -9.73 -8.16 2.51
C PHE A 168 -8.80 -8.29 3.70
N GLN A 169 -9.04 -9.25 4.58
CA GLN A 169 -8.14 -9.40 5.70
C GLN A 169 -6.88 -10.12 5.27
N ASP A 170 -6.90 -10.72 4.08
CA ASP A 170 -5.71 -11.38 3.54
C ASP A 170 -4.83 -10.26 3.02
N ALA A 171 -5.48 -9.21 2.50
CA ALA A 171 -4.78 -8.06 1.98
C ALA A 171 -4.18 -7.28 3.14
N MET A 172 -4.93 -7.18 4.24
CA MET A 172 -4.47 -6.47 5.43
C MET A 172 -3.22 -7.13 5.98
N ALA A 173 -3.25 -8.45 6.10
CA ALA A 173 -2.11 -9.21 6.61
C ALA A 173 -0.95 -9.06 5.66
N SER A 174 -1.26 -9.09 4.37
CA SER A 174 -0.25 -8.96 3.32
C SER A 174 0.42 -7.60 3.43
N ASP A 175 -0.31 -6.60 3.89
CA ASP A 175 0.25 -5.26 4.02
C ASP A 175 1.16 -5.14 5.24
N SER A 176 0.73 -5.71 6.35
CA SER A 176 1.52 -5.66 7.57
C SER A 176 2.78 -6.51 7.42
N ARG A 177 2.71 -7.52 6.57
CA ARG A 177 3.86 -8.39 6.31
C ARG A 177 4.91 -7.56 5.59
N MET A 178 4.49 -6.89 4.52
CA MET A 178 5.38 -6.05 3.73
C MET A 178 6.16 -5.08 4.60
N PHE A 179 5.64 -4.77 5.77
CA PHE A 179 6.35 -3.85 6.64
C PHE A 179 7.71 -4.48 6.96
N LYS A 180 7.70 -5.79 7.22
CA LYS A 180 8.95 -6.49 7.52
C LYS A 180 9.99 -6.13 6.47
N LEU A 181 9.57 -6.10 5.20
CA LEU A 181 10.48 -5.77 4.12
C LEU A 181 10.95 -4.32 4.18
N VAL A 182 10.07 -3.43 4.64
CA VAL A 182 10.41 -2.02 4.76
C VAL A 182 11.55 -1.89 5.76
N LEU A 183 11.49 -2.68 6.82
CA LEU A 183 12.51 -2.69 7.86
C LEU A 183 13.82 -3.16 7.27
N GLN A 184 13.76 -4.28 6.55
CA GLN A 184 14.94 -4.86 5.92
C GLN A 184 15.60 -3.90 4.96
N GLU A 185 14.79 -3.13 4.24
CA GLU A 185 15.30 -2.19 3.26
C GLU A 185 15.73 -0.83 3.84
N ASN A 186 15.42 -0.57 5.11
CA ASN A 186 15.79 0.71 5.73
C ASN A 186 16.37 0.55 7.13
N LYS A 187 17.24 -0.44 7.31
CA LYS A 187 17.87 -0.69 8.60
C LYS A 187 18.58 0.55 9.17
N ARG A 188 19.18 1.37 8.32
CA ARG A 188 19.90 2.55 8.79
C ARG A 188 19.00 3.48 9.58
N VAL A 189 17.70 3.30 9.46
CA VAL A 189 16.76 4.14 10.18
C VAL A 189 16.78 3.77 11.66
N PHE A 190 16.86 2.48 11.94
CA PHE A 190 16.85 1.99 13.32
C PHE A 190 18.23 1.57 13.83
N GLU A 191 19.25 1.78 13.01
CA GLU A 191 20.62 1.37 13.35
C GLU A 191 21.22 1.77 14.71
N GLY A 192 21.34 3.07 14.96
CA GLY A 192 21.93 3.51 16.22
C GLY A 192 20.97 3.69 17.38
N LEU A 193 19.89 2.92 17.39
CA LEU A 193 18.88 3.01 18.44
C LEU A 193 19.03 1.94 19.50
N GLU A 194 18.95 2.38 20.76
CA GLU A 194 19.02 1.47 21.89
C GLU A 194 17.63 1.06 22.32
N SER A 195 16.67 1.96 22.12
CA SER A 195 15.27 1.70 22.50
C SER A 195 14.27 2.33 21.53
N LEU A 196 13.02 1.92 21.63
CA LEU A 196 11.99 2.44 20.75
C LEU A 196 10.60 2.23 21.35
N VAL A 197 9.71 3.20 21.14
CA VAL A 197 8.33 3.12 21.66
C VAL A 197 7.40 3.01 20.46
N ASP A 198 6.66 1.91 20.39
CA ASP A 198 5.73 1.70 19.31
C ASP A 198 4.37 2.21 19.78
N VAL A 199 4.12 3.50 19.54
CA VAL A 199 2.87 4.13 19.94
C VAL A 199 1.64 3.59 19.20
N GLY A 200 0.63 3.16 19.95
CA GLY A 200 -0.54 2.59 19.32
C GLY A 200 -0.13 1.27 18.70
N GLY A 201 0.82 0.61 19.35
CA GLY A 201 1.30 -0.67 18.84
C GLY A 201 0.40 -1.84 19.16
N GLY A 202 -0.78 -1.53 19.72
CA GLY A 202 -1.74 -2.55 20.06
C GLY A 202 -1.21 -3.73 20.87
N THR A 203 -1.30 -4.92 20.28
CA THR A 203 -0.86 -6.14 20.95
C THR A 203 0.62 -6.47 20.69
N GLY A 204 1.27 -5.62 19.90
CA GLY A 204 2.67 -5.85 19.62
C GLY A 204 3.01 -6.62 18.36
N GLY A 205 2.07 -6.70 17.42
CA GLY A 205 2.34 -7.40 16.18
C GLY A 205 3.49 -6.75 15.42
N VAL A 206 3.41 -5.43 15.24
CA VAL A 206 4.45 -4.69 14.55
C VAL A 206 5.80 -4.70 15.29
N THR A 207 5.76 -4.70 16.60
CA THR A 207 7.00 -4.74 17.36
C THR A 207 7.66 -6.09 17.10
N LYS A 208 6.86 -7.14 17.02
CA LYS A 208 7.39 -8.48 16.76
C LYS A 208 8.23 -8.44 15.49
N LEU A 209 7.70 -7.80 14.45
CA LEU A 209 8.45 -7.69 13.20
C LEU A 209 9.76 -6.95 13.47
N ILE A 210 9.65 -5.77 14.08
CA ILE A 210 10.82 -4.99 14.41
C ILE A 210 11.85 -5.84 15.11
N HIS A 211 11.39 -6.72 16.00
CA HIS A 211 12.30 -7.60 16.71
C HIS A 211 12.92 -8.68 15.83
N GLU A 212 12.26 -9.01 14.73
CA GLU A 212 12.80 -10.02 13.84
C GLU A 212 14.03 -9.50 13.10
N ILE A 213 14.06 -8.21 12.80
CA ILE A 213 15.20 -7.63 12.10
C ILE A 213 16.20 -7.03 13.08
N PHE A 214 15.71 -6.53 14.21
CA PHE A 214 16.58 -5.92 15.22
C PHE A 214 16.38 -6.52 16.61
N PRO A 215 16.84 -7.76 16.81
CA PRO A 215 16.71 -8.49 18.09
C PRO A 215 17.13 -7.77 19.37
N HIS A 216 18.11 -6.88 19.29
CA HIS A 216 18.62 -6.18 20.47
C HIS A 216 17.97 -4.84 20.82
N LEU A 217 17.07 -4.38 19.98
CA LEU A 217 16.40 -3.11 20.25
C LEU A 217 15.37 -3.27 21.37
N LYS A 218 15.43 -2.40 22.37
CA LYS A 218 14.48 -2.42 23.49
C LYS A 218 13.19 -1.75 23.04
N CYS A 219 12.18 -2.55 22.71
CA CYS A 219 10.91 -2.01 22.23
C CYS A 219 9.81 -2.04 23.29
N THR A 220 9.18 -0.90 23.50
CA THR A 220 8.07 -0.83 24.44
C THR A 220 6.79 -0.50 23.69
N VAL A 221 5.92 -1.49 23.59
CA VAL A 221 4.62 -1.38 22.94
C VAL A 221 3.70 -0.54 23.82
N PHE A 222 3.32 0.63 23.32
CA PHE A 222 2.47 1.56 24.03
C PHE A 222 1.07 1.63 23.43
N ASP A 223 0.06 1.51 24.28
CA ASP A 223 -1.32 1.59 23.80
C ASP A 223 -2.22 1.84 24.99
N GLN A 224 -3.52 1.69 24.81
CA GLN A 224 -4.46 1.93 25.90
C GLN A 224 -4.47 0.82 26.94
N PRO A 225 -4.79 1.17 28.19
CA PRO A 225 -4.83 0.19 29.27
C PRO A 225 -5.55 -1.11 28.91
N GLN A 226 -6.74 -1.00 28.32
CA GLN A 226 -7.52 -2.18 27.97
C GLN A 226 -6.88 -3.04 26.89
N VAL A 227 -6.38 -2.41 25.84
CA VAL A 227 -5.77 -3.14 24.75
C VAL A 227 -4.49 -3.86 25.18
N VAL A 228 -3.76 -3.26 26.12
CA VAL A 228 -2.52 -3.89 26.60
C VAL A 228 -2.78 -4.60 27.93
N GLY A 229 -3.32 -3.86 28.89
CA GLY A 229 -3.64 -4.38 30.21
C GLY A 229 -2.67 -5.36 30.82
N ASN A 230 -2.79 -6.61 30.40
CA ASN A 230 -1.95 -7.71 30.89
C ASN A 230 -0.57 -7.71 30.21
N LEU A 231 -0.48 -8.44 29.10
CA LEU A 231 0.72 -8.61 28.28
C LEU A 231 2.05 -8.19 28.88
N THR A 232 3.03 -9.10 28.84
CA THR A 232 4.38 -8.85 29.35
C THR A 232 5.36 -9.66 28.53
N GLY A 233 6.53 -9.94 29.11
CA GLY A 233 7.51 -10.76 28.42
C GLY A 233 8.69 -10.10 27.75
N ASN A 234 9.82 -10.81 27.79
CA ASN A 234 11.08 -10.40 27.17
C ASN A 234 11.77 -9.20 27.78
N GLU A 235 13.10 -9.24 27.70
CA GLU A 235 13.94 -8.18 28.22
C GLU A 235 13.85 -7.00 27.27
N ASN A 236 13.68 -7.30 25.99
CA ASN A 236 13.60 -6.27 24.95
C ASN A 236 12.18 -5.97 24.49
N LEU A 237 11.20 -6.59 25.13
CA LEU A 237 9.80 -6.36 24.78
C LEU A 237 9.07 -5.76 25.96
N ASN A 238 8.34 -4.68 25.69
CA ASN A 238 7.66 -3.98 26.77
C ASN A 238 6.22 -3.59 26.51
N PHE A 239 5.35 -3.77 27.49
CA PHE A 239 3.96 -3.37 27.35
C PHE A 239 3.57 -2.42 28.46
N VAL A 240 3.19 -1.20 28.09
CA VAL A 240 2.77 -0.21 29.07
C VAL A 240 1.49 0.44 28.57
N GLY A 241 0.52 0.55 29.45
CA GLY A 241 -0.75 1.16 29.08
C GLY A 241 -0.79 2.61 29.49
N GLY A 242 -1.51 3.43 28.72
CA GLY A 242 -1.62 4.85 29.02
C GLY A 242 -2.30 5.65 27.92
N ASP A 243 -2.18 6.97 27.98
CA ASP A 243 -2.81 7.85 26.98
C ASP A 243 -1.78 8.71 26.23
N MET A 244 -1.60 8.43 24.94
CA MET A 244 -0.63 9.17 24.13
C MET A 244 -0.86 10.67 24.05
N PHE A 245 -2.05 11.13 24.43
CA PHE A 245 -2.37 12.56 24.40
C PHE A 245 -1.91 13.25 25.68
N LYS A 246 -1.68 12.45 26.72
CA LYS A 246 -1.21 12.99 27.99
C LYS A 246 0.29 12.77 28.06
N SER A 247 0.73 11.55 27.76
CA SER A 247 2.17 11.26 27.79
C SER A 247 2.54 9.93 27.16
N ILE A 248 3.68 9.88 26.48
CA ILE A 248 4.14 8.64 25.90
C ILE A 248 5.53 8.31 26.44
N PRO A 249 5.77 7.00 26.74
CA PRO A 249 7.04 6.50 27.28
C PRO A 249 8.30 7.03 26.61
N SER A 250 9.32 7.31 27.43
CA SER A 250 10.57 7.83 26.89
C SER A 250 11.37 6.72 26.24
N ALA A 251 12.08 7.06 25.16
CA ALA A 251 12.91 6.10 24.46
C ALA A 251 13.81 6.80 23.46
N ASP A 252 14.75 6.07 22.88
CA ASP A 252 15.64 6.68 21.90
C ASP A 252 14.85 7.23 20.74
N ALA A 253 13.77 6.55 20.38
CA ALA A 253 12.96 7.01 19.26
C ALA A 253 11.48 6.69 19.50
N VAL A 254 10.61 7.39 18.77
CA VAL A 254 9.17 7.16 18.87
C VAL A 254 8.67 6.74 17.50
N LEU A 255 7.91 5.65 17.44
CA LEU A 255 7.38 5.19 16.16
C LEU A 255 5.90 5.52 16.13
N LEU A 256 5.47 6.15 15.05
CA LEU A 256 4.06 6.49 14.88
C LEU A 256 3.69 5.84 13.56
N LYS A 257 3.26 4.60 13.61
CA LYS A 257 2.90 3.87 12.41
C LYS A 257 1.38 3.89 12.23
N TRP A 258 0.93 4.53 11.16
CA TRP A 258 -0.49 4.64 10.83
C TRP A 258 -1.30 5.15 12.02
N VAL A 259 -0.77 6.13 12.74
CA VAL A 259 -1.50 6.64 13.90
C VAL A 259 -1.92 8.09 13.69
N LEU A 260 -1.34 8.75 12.70
CA LEU A 260 -1.68 10.13 12.46
C LEU A 260 -2.72 10.39 11.38
N HIS A 261 -2.95 9.44 10.48
CA HIS A 261 -3.94 9.70 9.45
C HIS A 261 -5.35 9.59 10.01
N ASP A 262 -5.46 9.28 11.30
CA ASP A 262 -6.77 9.17 11.96
C ASP A 262 -7.09 10.41 12.77
N TRP A 263 -6.08 11.26 12.99
CA TRP A 263 -6.33 12.45 13.78
C TRP A 263 -6.15 13.75 13.02
N ASN A 264 -6.91 14.76 13.43
CA ASN A 264 -6.82 16.05 12.79
C ASN A 264 -5.55 16.72 13.25
N ASP A 265 -5.21 17.83 12.62
CA ASP A 265 -4.00 18.57 12.91
C ASP A 265 -3.84 18.90 14.39
N GLU A 266 -4.96 19.18 15.06
CA GLU A 266 -4.92 19.53 16.46
C GLU A 266 -4.51 18.34 17.31
N GLN A 267 -5.18 17.21 17.11
CA GLN A 267 -4.87 16.02 17.88
C GLN A 267 -3.52 15.46 17.44
N SER A 268 -3.19 15.66 16.16
CA SER A 268 -1.91 15.17 15.64
C SER A 268 -0.75 15.99 16.17
N LEU A 269 -0.99 17.26 16.44
CA LEU A 269 0.07 18.12 16.95
C LEU A 269 0.41 17.75 18.38
N LYS A 270 -0.62 17.45 19.17
CA LYS A 270 -0.39 17.09 20.56
C LYS A 270 0.42 15.80 20.66
N ILE A 271 0.11 14.85 19.79
CA ILE A 271 0.81 13.57 19.75
C ILE A 271 2.27 13.78 19.37
N LEU A 272 2.51 14.68 18.42
CA LEU A 272 3.88 14.96 17.99
C LEU A 272 4.63 15.66 19.12
N LYS A 273 3.95 16.56 19.82
CA LYS A 273 4.57 17.27 20.93
C LYS A 273 4.96 16.29 22.05
N ASN A 274 4.05 15.40 22.39
CA ASN A 274 4.34 14.42 23.42
C ASN A 274 5.44 13.49 22.94
N SER A 275 5.54 13.31 21.62
CA SER A 275 6.58 12.46 21.06
C SER A 275 7.95 13.13 21.21
N LYS A 276 7.99 14.44 21.05
CA LYS A 276 9.25 15.16 21.17
C LYS A 276 9.76 15.14 22.60
N GLU A 277 8.83 15.17 23.55
CA GLU A 277 9.18 15.16 24.96
C GLU A 277 9.65 13.78 25.39
N ALA A 278 9.11 12.75 24.76
CA ALA A 278 9.48 11.37 25.08
C ALA A 278 10.91 11.02 24.65
N ILE A 279 11.47 11.79 23.73
CA ILE A 279 12.83 11.54 23.26
C ILE A 279 13.73 12.66 23.74
N SER A 280 13.12 13.65 24.38
CA SER A 280 13.80 14.82 24.93
C SER A 280 15.07 14.53 25.72
N HIS A 281 15.10 13.42 26.44
CA HIS A 281 16.24 13.05 27.26
C HIS A 281 17.44 12.60 26.42
N LYS A 282 17.19 12.21 25.18
CA LYS A 282 18.26 11.74 24.31
C LYS A 282 18.83 12.92 23.52
N GLY A 283 18.29 14.11 23.78
CA GLY A 283 18.75 15.31 23.11
C GLY A 283 18.59 15.29 21.60
N LYS A 284 19.65 15.73 20.91
CA LYS A 284 19.68 15.79 19.45
C LYS A 284 19.94 14.42 18.82
N ASP A 285 19.98 13.39 19.66
CA ASP A 285 20.23 12.02 19.19
C ASP A 285 18.90 11.29 18.95
N GLY A 286 17.84 11.74 19.62
CA GLY A 286 16.53 11.12 19.46
C GLY A 286 15.85 11.48 18.15
N LYS A 287 14.89 10.66 17.74
CA LYS A 287 14.17 10.92 16.51
C LYS A 287 12.74 10.40 16.62
N VAL A 288 11.83 10.95 15.82
CA VAL A 288 10.46 10.47 15.80
C VAL A 288 10.32 9.91 14.40
N ILE A 289 9.78 8.70 14.31
CA ILE A 289 9.60 8.05 13.02
C ILE A 289 8.10 7.97 12.69
N ILE A 290 7.71 8.60 11.59
CA ILE A 290 6.31 8.60 11.16
C ILE A 290 6.14 7.75 9.92
N ILE A 291 5.26 6.76 9.99
CA ILE A 291 5.00 5.94 8.83
C ILE A 291 3.54 6.18 8.43
N ASP A 292 3.38 6.94 7.35
CA ASP A 292 2.08 7.31 6.81
C ASP A 292 2.30 7.93 5.43
N ILE A 293 1.23 8.04 4.63
CA ILE A 293 1.37 8.62 3.30
C ILE A 293 1.66 10.13 3.28
N SER A 294 2.51 10.53 2.33
CA SER A 294 2.85 11.93 2.15
C SER A 294 2.81 12.20 0.66
N ILE A 295 1.91 13.09 0.23
CA ILE A 295 1.79 13.39 -1.20
C ILE A 295 2.66 14.59 -1.55
N ASP A 296 3.65 14.38 -2.42
CA ASP A 296 4.55 15.46 -2.83
C ASP A 296 4.01 16.06 -4.14
N GLU A 297 3.15 17.04 -4.03
CA GLU A 297 2.57 17.67 -5.22
C GLU A 297 3.59 18.30 -6.16
N THR A 298 4.73 18.74 -5.62
CA THR A 298 5.75 19.38 -6.44
C THR A 298 6.83 18.40 -6.91
N SER A 299 6.63 17.13 -6.60
CA SER A 299 7.58 16.11 -7.02
C SER A 299 7.74 16.09 -8.54
N ASP A 300 8.88 15.59 -8.99
CA ASP A 300 9.18 15.49 -10.41
C ASP A 300 8.61 14.18 -10.94
N ASP A 301 8.33 13.24 -10.04
CA ASP A 301 7.75 11.99 -10.50
C ASP A 301 6.24 12.20 -10.47
N ARG A 302 5.75 12.82 -11.53
CA ARG A 302 4.34 13.14 -11.72
C ARG A 302 3.48 11.89 -11.55
N GLY A 303 3.95 10.78 -12.12
CA GLY A 303 3.22 9.53 -12.03
C GLY A 303 3.01 9.07 -10.60
N LEU A 304 4.03 9.27 -9.76
CA LEU A 304 3.94 8.86 -8.38
C LEU A 304 2.97 9.75 -7.62
N THR A 305 2.99 11.04 -7.94
CA THR A 305 2.08 11.96 -7.26
C THR A 305 0.64 11.62 -7.66
N GLU A 306 0.44 11.26 -8.91
CA GLU A 306 -0.87 10.89 -9.41
C GLU A 306 -1.36 9.62 -8.74
N LEU A 307 -0.46 8.65 -8.59
CA LEU A 307 -0.80 7.40 -7.94
C LEU A 307 -1.20 7.69 -6.49
N GLN A 308 -0.46 8.59 -5.85
CA GLN A 308 -0.75 8.95 -4.46
C GLN A 308 -2.08 9.65 -4.36
N LEU A 309 -2.34 10.55 -5.30
CA LEU A 309 -3.61 11.27 -5.34
C LEU A 309 -4.74 10.26 -5.65
N ASP A 310 -4.45 9.25 -6.46
CA ASP A 310 -5.46 8.23 -6.80
C ASP A 310 -5.86 7.52 -5.52
N TYR A 311 -4.87 6.98 -4.83
CA TYR A 311 -5.10 6.26 -3.60
C TYR A 311 -5.89 7.10 -2.61
N ASP A 312 -5.48 8.35 -2.46
CA ASP A 312 -6.13 9.30 -1.56
C ASP A 312 -7.62 9.43 -1.93
N LEU A 313 -7.94 9.32 -3.21
CA LEU A 313 -9.33 9.45 -3.65
C LEU A 313 -10.12 8.18 -3.30
N VAL A 314 -9.43 7.05 -3.22
CA VAL A 314 -10.08 5.80 -2.87
C VAL A 314 -10.42 5.86 -1.39
N MET A 315 -9.54 6.47 -0.60
CA MET A 315 -9.77 6.60 0.85
C MET A 315 -10.95 7.53 1.07
N LEU A 316 -11.16 8.44 0.13
CA LEU A 316 -12.25 9.40 0.21
C LEU A 316 -13.56 8.72 -0.13
N THR A 317 -13.59 8.07 -1.29
CA THR A 317 -14.80 7.40 -1.73
C THR A 317 -15.23 6.21 -0.88
N MET A 318 -14.27 5.50 -0.30
CA MET A 318 -14.60 4.33 0.51
C MET A 318 -14.74 4.55 2.02
N PHE A 319 -13.96 5.47 2.58
CA PHE A 319 -13.99 5.75 4.01
C PHE A 319 -14.14 7.22 4.38
N LEU A 320 -14.08 8.08 3.37
CA LEU A 320 -14.18 9.52 3.57
C LEU A 320 -12.92 9.96 4.31
N GLY A 321 -11.85 9.19 4.16
CA GLY A 321 -10.60 9.50 4.83
C GLY A 321 -9.68 10.34 3.99
N LYS A 322 -8.58 10.79 4.58
CA LYS A 322 -7.62 11.62 3.87
C LYS A 322 -6.18 11.29 4.21
N GLU A 323 -5.31 11.58 3.25
CA GLU A 323 -3.88 11.42 3.45
C GLU A 323 -3.38 12.87 3.39
N ARG A 324 -2.21 13.11 3.98
CA ARG A 324 -1.67 14.46 4.00
C ARG A 324 -0.67 14.71 2.88
N THR A 325 -0.43 15.98 2.57
CA THR A 325 0.55 16.33 1.56
C THR A 325 1.87 16.56 2.27
N LYS A 326 2.96 16.64 1.53
CA LYS A 326 4.26 16.87 2.13
C LYS A 326 4.29 18.18 2.92
N GLN A 327 3.71 19.25 2.37
CA GLN A 327 3.72 20.53 3.08
C GLN A 327 2.94 20.53 4.39
N GLU A 328 1.77 19.91 4.43
CA GLU A 328 1.01 19.91 5.67
C GLU A 328 1.67 18.99 6.70
N TRP A 329 2.56 18.13 6.22
CA TRP A 329 3.32 17.24 7.12
C TRP A 329 4.41 18.13 7.69
N GLU A 330 4.94 19.00 6.85
CA GLU A 330 6.00 19.92 7.24
C GLU A 330 5.46 20.87 8.31
N LYS A 331 4.29 21.45 8.06
CA LYS A 331 3.70 22.38 9.02
C LYS A 331 3.53 21.71 10.37
N LEU A 332 3.06 20.48 10.34
CA LEU A 332 2.82 19.73 11.55
C LEU A 332 4.11 19.50 12.34
N ILE A 333 5.16 19.04 11.67
CA ILE A 333 6.39 18.76 12.38
C ILE A 333 7.12 20.01 12.87
N TYR A 334 6.95 21.13 12.16
CA TYR A 334 7.59 22.36 12.58
C TYR A 334 6.79 23.02 13.71
N ASP A 335 5.47 22.99 13.59
CA ASP A 335 4.63 23.56 14.62
C ASP A 335 4.79 22.77 15.91
N ALA A 336 5.34 21.57 15.80
CA ALA A 336 5.55 20.72 16.98
C ALA A 336 6.90 21.08 17.61
N GLY A 337 7.79 21.71 16.85
CA GLY A 337 9.08 22.10 17.40
C GLY A 337 10.34 21.43 16.87
N PHE A 338 10.19 20.52 15.93
CA PHE A 338 11.34 19.81 15.38
C PHE A 338 12.16 20.71 14.44
N SER A 339 13.42 20.34 14.22
CA SER A 339 14.33 21.13 13.40
C SER A 339 14.41 20.72 11.94
N SER A 340 14.26 19.44 11.68
CA SER A 340 14.32 18.97 10.30
C SER A 340 13.59 17.65 10.15
N TYR A 341 13.60 17.12 8.94
CA TYR A 341 12.94 15.85 8.69
C TYR A 341 13.39 15.28 7.36
N LYS A 342 13.30 13.96 7.25
CA LYS A 342 13.72 13.28 6.03
C LYS A 342 12.64 12.31 5.61
N ILE A 343 12.16 12.45 4.38
CA ILE A 343 11.13 11.56 3.88
C ILE A 343 11.77 10.49 3.01
N THR A 344 11.41 9.24 3.30
CA THR A 344 11.92 8.10 2.55
C THR A 344 10.76 7.32 1.94
N PRO A 345 10.68 7.28 0.60
CA PRO A 345 9.59 6.55 -0.05
C PRO A 345 9.68 5.05 0.22
N ILE A 346 8.54 4.45 0.57
CA ILE A 346 8.48 3.03 0.89
C ILE A 346 7.22 2.37 0.32
N SER A 347 7.30 1.08 0.06
CA SER A 347 6.17 0.30 -0.43
C SER A 347 5.40 0.95 -1.58
N GLY A 348 6.09 1.18 -2.69
CA GLY A 348 5.44 1.77 -3.84
C GLY A 348 5.17 3.27 -3.75
N PHE A 349 4.22 3.65 -2.91
CA PHE A 349 3.84 5.05 -2.81
C PHE A 349 3.72 5.60 -1.38
N LYS A 350 3.97 4.76 -0.38
CA LYS A 350 3.89 5.19 1.03
C LYS A 350 5.14 5.97 1.42
N SER A 351 5.19 6.40 2.68
CA SER A 351 6.35 7.17 3.15
C SER A 351 6.82 6.85 4.57
N LEU A 352 8.10 7.08 4.80
CA LEU A 352 8.68 6.88 6.13
C LEU A 352 9.35 8.21 6.44
N ILE A 353 8.77 8.94 7.38
CA ILE A 353 9.32 10.24 7.76
C ILE A 353 10.18 10.14 9.01
N GLU A 354 11.37 10.73 8.96
CA GLU A 354 12.27 10.76 10.11
C GLU A 354 12.26 12.20 10.56
N VAL A 355 11.84 12.43 11.79
CA VAL A 355 11.72 13.78 12.36
C VAL A 355 12.77 14.02 13.44
N TYR A 356 13.56 15.07 13.31
CA TYR A 356 14.60 15.37 14.28
C TYR A 356 14.35 16.62 15.11
N PRO A 357 14.67 16.58 16.41
CA PRO A 357 14.46 17.75 17.26
C PRO A 357 15.49 18.84 17.01
#